data_7Q01
#
_entry.id   7Q01
#
_cell.length_a   35.432
_cell.length_b   67.039
_cell.length_c   63.336
_cell.angle_alpha   90.00
_cell.angle_beta   90.30
_cell.angle_gamma   90.00
#
_symmetry.space_group_name_H-M   'P 1 21 1'
#
loop_
_entity.id
_entity.type
_entity.pdbx_description
1 polymer 'UDP-3-O-acyl-N-acetylglucosamine deacetylase'
2 non-polymer 'ZINC ION'
3 non-polymer (2S,4S)-N-((3R,5R)-1-(cyclopropanecarbonyl)-5-((4-(((1R,2R)-2-(methoxymethyl)cyclopropyl)buta-1,3-diyn-1-yl)benzamido)methyl)pyrrolidin-3-yl)-4-fluoropyrrolidine-2-carboxamide
4 water water
#
_entity_poly.entity_id   1
_entity_poly.type   'polypeptide(L)'
_entity_poly.pdbx_seq_one_letter_code
;HHHHHHENLYFQSMIKQRTLKNIIRATGVGLHSGEKVYLTLKPAPVDTGIVFSRTDLDPVVEIPARAENVGETTMSTTLV
KGDVKVDTVEHLLSAMAGLGIDNAYVELSASEVPIMDGSAGPFVFLIQSAGLQEQEAAKKFIRIKREVSVEEGDKRAVFV
PFDGFKVSFEIDFDHPVFRGRTQQASVDFSSTSFVKEVSRARTFGFMRDIEYLRSQNLALGGSVENAIVVDENRVLNEDG
LRYEDEFVKHKILDAIGDLYLLGNSLIGEFRGFKSGHALNNQLLRTLIADKDAWEVVTFEDARTAPISYMRP
;
_entity_poly.pdbx_strand_id   A
#
# COMPACT_ATOMS: atom_id res chain seq x y z
N MET A 14 -21.37 -4.14 17.15
CA MET A 14 -20.53 -4.98 16.25
C MET A 14 -19.63 -4.07 15.42
N ILE A 15 -18.50 -4.57 14.93
CA ILE A 15 -17.61 -3.80 14.02
C ILE A 15 -18.16 -3.91 12.60
N LYS A 16 -18.42 -2.76 11.98
CA LYS A 16 -19.19 -2.66 10.72
C LYS A 16 -18.24 -2.30 9.57
N GLN A 17 -18.52 -2.81 8.38
CA GLN A 17 -17.83 -2.40 7.14
C GLN A 17 -17.98 -0.88 6.98
N ARG A 18 -16.98 -0.24 6.36
CA ARG A 18 -16.97 1.21 6.04
C ARG A 18 -16.76 1.39 4.55
N THR A 19 -17.35 2.44 4.02
CA THR A 19 -17.04 3.02 2.69
C THR A 19 -16.82 4.51 2.91
N LEU A 20 -16.74 5.25 1.81
CA LEU A 20 -16.70 6.74 1.79
C LEU A 20 -18.12 7.28 1.98
N LYS A 21 -18.20 8.48 2.58
CA LYS A 21 -19.43 9.28 2.75
C LYS A 21 -19.75 9.96 1.42
N ASN A 22 -18.72 10.52 0.77
CA ASN A 22 -18.82 11.38 -0.44
C ASN A 22 -17.72 10.97 -1.40
N ILE A 23 -17.90 11.25 -2.69
CA ILE A 23 -16.86 10.98 -3.71
C ILE A 23 -15.77 12.05 -3.56
N ILE A 24 -14.55 11.72 -3.97
CA ILE A 24 -13.34 12.60 -3.88
C ILE A 24 -12.63 12.50 -5.22
N ARG A 25 -12.22 13.65 -5.75
CA ARG A 25 -11.52 13.80 -7.05
C ARG A 25 -10.10 14.31 -6.75
N ALA A 26 -9.08 13.82 -7.45
CA ALA A 26 -7.68 14.30 -7.35
C ALA A 26 -6.97 14.14 -8.69
N THR A 27 -5.87 14.87 -8.86
CA THR A 27 -5.04 14.92 -10.09
C THR A 27 -3.57 14.73 -9.70
N GLY A 28 -2.81 14.04 -10.55
CA GLY A 28 -1.37 13.89 -10.38
C GLY A 28 -0.70 13.31 -11.61
N VAL A 29 0.51 12.78 -11.42
CA VAL A 29 1.40 12.24 -12.48
C VAL A 29 1.77 10.83 -12.05
N GLY A 30 1.75 9.86 -12.97
CA GLY A 30 2.32 8.53 -12.72
C GLY A 30 3.84 8.61 -12.59
N LEU A 31 4.39 8.07 -11.51
CA LEU A 31 5.86 8.05 -11.25
C LEU A 31 6.59 7.56 -12.51
N HIS A 32 6.14 6.46 -13.11
CA HIS A 32 6.82 5.73 -14.21
C HIS A 32 6.36 6.27 -15.57
N SER A 33 5.05 6.42 -15.75
CA SER A 33 4.43 6.79 -17.05
C SER A 33 4.71 8.26 -17.35
N GLY A 34 4.80 9.09 -16.30
CA GLY A 34 4.86 10.57 -16.42
C GLY A 34 3.57 11.18 -16.93
N GLU A 35 2.48 10.43 -16.95
CA GLU A 35 1.17 10.87 -17.49
C GLU A 35 0.37 11.58 -16.39
N LYS A 36 -0.27 12.69 -16.75
CA LYS A 36 -1.32 13.36 -15.96
C LYS A 36 -2.50 12.39 -15.81
N VAL A 37 -2.93 12.15 -14.57
CA VAL A 37 -4.01 11.16 -14.26
C VAL A 37 -5.03 11.85 -13.35
N TYR A 38 -6.31 11.63 -13.67
CA TYR A 38 -7.48 12.05 -12.87
C TYR A 38 -7.99 10.83 -12.10
N LEU A 39 -8.12 10.98 -10.78
CA LEU A 39 -8.50 9.92 -9.83
C LEU A 39 -9.86 10.30 -9.23
N THR A 40 -10.79 9.36 -9.21
CA THR A 40 -12.09 9.46 -8.50
C THR A 40 -12.26 8.26 -7.57
N LEU A 41 -12.35 8.52 -6.28
CA LEU A 41 -12.77 7.55 -5.23
C LEU A 41 -14.28 7.71 -5.03
N LYS A 42 -15.04 6.64 -5.20
CA LYS A 42 -16.52 6.63 -4.97
C LYS A 42 -16.86 5.68 -3.83
N PRO A 43 -17.88 5.99 -3.01
CA PRO A 43 -18.47 4.99 -2.13
C PRO A 43 -18.83 3.71 -2.90
N ALA A 44 -18.92 2.58 -2.20
CA ALA A 44 -19.26 1.27 -2.79
C ALA A 44 -20.10 0.45 -1.82
N PRO A 45 -21.06 -0.35 -2.32
CA PRO A 45 -21.84 -1.28 -1.52
C PRO A 45 -21.04 -2.27 -0.64
N VAL A 46 -21.69 -2.76 0.43
CA VAL A 46 -21.21 -3.83 1.34
C VAL A 46 -20.62 -4.99 0.52
N ASP A 47 -19.40 -5.42 0.86
CA ASP A 47 -18.75 -6.65 0.35
C ASP A 47 -18.22 -6.44 -1.08
N THR A 48 -18.07 -5.19 -1.51
CA THR A 48 -17.48 -4.87 -2.83
C THR A 48 -15.97 -5.06 -2.79
N GLY A 49 -15.31 -4.71 -1.68
CA GLY A 49 -13.84 -4.62 -1.62
C GLY A 49 -13.36 -3.30 -2.22
N ILE A 50 -12.07 -3.19 -2.55
CA ILE A 50 -11.52 -2.04 -3.32
C ILE A 50 -11.41 -2.48 -4.78
N VAL A 51 -11.99 -1.71 -5.70
CA VAL A 51 -12.06 -2.05 -7.15
C VAL A 51 -11.47 -0.87 -7.94
N PHE A 52 -10.40 -1.12 -8.70
CA PHE A 52 -9.76 -0.11 -9.59
C PHE A 52 -10.48 -0.12 -10.95
N SER A 53 -10.69 1.05 -11.52
CA SER A 53 -11.51 1.21 -12.75
C SER A 53 -10.78 2.11 -13.76
N ARG A 54 -10.50 1.57 -14.95
CA ARG A 54 -9.90 2.33 -16.07
C ARG A 54 -11.05 2.93 -16.90
N THR A 55 -11.44 4.15 -16.57
CA THR A 55 -12.62 4.86 -17.12
C THR A 55 -12.31 5.40 -18.52
N ASP A 56 -11.02 5.63 -18.82
CA ASP A 56 -10.48 6.06 -20.13
C ASP A 56 -10.75 5.02 -21.23
N LEU A 57 -10.94 3.75 -20.87
CA LEU A 57 -11.15 2.65 -21.85
C LEU A 57 -12.64 2.52 -22.15
N ASP A 58 -12.98 2.11 -23.37
CA ASP A 58 -14.37 1.78 -23.78
C ASP A 58 -14.40 0.39 -24.43
N PRO A 59 -14.99 -0.63 -23.77
CA PRO A 59 -15.69 -0.45 -22.50
C PRO A 59 -14.74 -0.40 -21.30
N VAL A 60 -15.13 0.35 -20.26
CA VAL A 60 -14.43 0.52 -18.96
C VAL A 60 -13.95 -0.84 -18.43
N VAL A 61 -12.75 -0.90 -17.85
CA VAL A 61 -12.16 -2.15 -17.27
C VAL A 61 -11.91 -1.93 -15.78
N GLU A 62 -12.51 -2.78 -14.94
CA GLU A 62 -12.40 -2.78 -13.46
C GLU A 62 -11.56 -3.98 -13.03
N ILE A 63 -10.54 -3.76 -12.19
CA ILE A 63 -9.71 -4.86 -11.58
C ILE A 63 -9.86 -4.78 -10.07
N PRO A 64 -10.50 -5.80 -9.44
CA PRO A 64 -10.49 -5.97 -7.99
C PRO A 64 -9.07 -5.94 -7.43
N ALA A 65 -8.87 -5.21 -6.35
CA ALA A 65 -7.57 -5.03 -5.67
C ALA A 65 -7.30 -6.27 -4.81
N ARG A 66 -6.95 -7.38 -5.47
CA ARG A 66 -6.83 -8.71 -4.82
C ARG A 66 -5.57 -9.40 -5.34
N ALA A 67 -4.94 -10.24 -4.51
CA ALA A 67 -3.64 -10.91 -4.75
C ALA A 67 -3.65 -11.65 -6.09
N GLU A 68 -4.74 -12.35 -6.40
CA GLU A 68 -4.92 -13.08 -7.67
C GLU A 68 -4.73 -12.15 -8.88
N ASN A 69 -4.87 -10.82 -8.74
CA ASN A 69 -4.90 -9.87 -9.90
C ASN A 69 -3.60 -9.08 -10.03
N VAL A 70 -2.58 -9.43 -9.24
CA VAL A 70 -1.24 -8.77 -9.25
C VAL A 70 -0.46 -9.26 -10.48
N GLY A 71 0.07 -8.34 -11.27
CA GLY A 71 0.90 -8.64 -12.46
C GLY A 71 2.35 -8.85 -12.08
N GLU A 72 3.13 -9.47 -12.97
CA GLU A 72 4.58 -9.76 -12.78
C GLU A 72 5.40 -8.48 -13.11
N THR A 73 5.03 -7.33 -12.52
CA THR A 73 5.75 -6.04 -12.62
C THR A 73 6.55 -5.84 -11.33
N THR A 74 7.86 -5.60 -11.45
CA THR A 74 8.82 -5.54 -10.32
C THR A 74 9.20 -4.09 -9.98
N MET A 75 8.76 -3.09 -10.75
CA MET A 75 9.02 -1.66 -10.40
C MET A 75 8.06 -1.24 -9.27
N SER A 76 6.80 -1.66 -9.32
CA SER A 76 5.71 -1.27 -8.38
C SER A 76 4.66 -2.38 -8.26
N THR A 77 3.63 -2.20 -7.44
CA THR A 77 2.50 -3.15 -7.33
C THR A 77 1.49 -2.85 -8.45
N THR A 78 1.31 -3.78 -9.38
CA THR A 78 0.48 -3.59 -10.60
C THR A 78 -0.65 -4.61 -10.57
N LEU A 79 -1.88 -4.16 -10.86
CA LEU A 79 -3.02 -5.07 -11.10
C LEU A 79 -3.18 -5.25 -12.60
N VAL A 80 -3.58 -6.45 -13.04
CA VAL A 80 -3.78 -6.81 -14.47
C VAL A 80 -5.11 -7.52 -14.64
N LYS A 81 -5.70 -7.38 -15.82
CA LYS A 81 -6.81 -8.20 -16.34
C LYS A 81 -6.73 -8.10 -17.87
N GLY A 82 -6.40 -9.20 -18.56
CA GLY A 82 -6.12 -9.18 -20.01
C GLY A 82 -4.81 -8.48 -20.26
N ASP A 83 -4.77 -7.57 -21.23
CA ASP A 83 -3.59 -6.70 -21.51
C ASP A 83 -3.91 -5.28 -21.00
N VAL A 84 -4.81 -5.16 -20.02
CA VAL A 84 -5.11 -3.89 -19.29
C VAL A 84 -4.43 -3.96 -17.91
N LYS A 85 -3.75 -2.88 -17.52
CA LYS A 85 -3.00 -2.81 -16.23
C LYS A 85 -3.42 -1.55 -15.47
N VAL A 86 -3.19 -1.57 -14.15
CA VAL A 86 -3.13 -0.36 -13.29
C VAL A 86 -1.83 -0.43 -12.49
N ASP A 87 -0.98 0.57 -12.64
CA ASP A 87 0.37 0.58 -12.03
C ASP A 87 0.34 1.35 -10.72
N THR A 88 1.20 0.95 -9.78
CA THR A 88 1.57 1.70 -8.56
C THR A 88 0.33 1.94 -7.70
N VAL A 89 -0.28 0.86 -7.26
CA VAL A 89 -1.51 0.88 -6.40
C VAL A 89 -1.15 0.92 -4.90
N GLU A 90 0.10 0.67 -4.51
CA GLU A 90 0.46 0.32 -3.10
C GLU A 90 0.23 1.49 -2.14
N HIS A 91 0.41 2.75 -2.54
CA HIS A 91 0.32 3.90 -1.58
C HIS A 91 -1.15 4.17 -1.25
N LEU A 92 -2.02 4.18 -2.26
CA LEU A 92 -3.48 4.37 -2.12
C LEU A 92 -4.06 3.25 -1.26
N LEU A 93 -3.82 1.99 -1.62
CA LEU A 93 -4.26 0.82 -0.83
C LEU A 93 -3.77 0.97 0.61
N SER A 94 -2.53 1.38 0.80
CA SER A 94 -1.93 1.64 2.13
C SER A 94 -2.76 2.67 2.90
N ALA A 95 -3.24 3.72 2.22
CA ALA A 95 -4.06 4.81 2.79
C ALA A 95 -5.44 4.26 3.16
N MET A 96 -6.03 3.43 2.30
CA MET A 96 -7.36 2.84 2.61
C MET A 96 -7.24 1.83 3.76
N ALA A 97 -6.17 1.06 3.79
CA ALA A 97 -5.86 0.14 4.90
C ALA A 97 -5.78 0.95 6.19
N GLY A 98 -5.01 2.03 6.16
CA GLY A 98 -4.77 2.90 7.34
C GLY A 98 -6.06 3.38 7.96
N LEU A 99 -7.08 3.69 7.16
CA LEU A 99 -8.35 4.30 7.65
C LEU A 99 -9.47 3.25 7.79
N GLY A 100 -9.16 1.98 7.52
CA GLY A 100 -10.10 0.85 7.61
C GLY A 100 -11.24 0.90 6.59
N ILE A 101 -10.95 1.30 5.35
CA ILE A 101 -11.97 1.32 4.26
C ILE A 101 -12.11 -0.06 3.63
N ASP A 102 -13.33 -0.62 3.72
CA ASP A 102 -13.70 -1.96 3.22
C ASP A 102 -14.13 -1.85 1.76
N ASN A 103 -14.80 -0.77 1.36
CA ASN A 103 -15.57 -0.75 0.09
C ASN A 103 -15.35 0.60 -0.58
N ALA A 104 -14.86 0.61 -1.82
CA ALA A 104 -14.64 1.84 -2.63
C ALA A 104 -14.29 1.46 -4.08
N TYR A 105 -14.78 2.27 -5.03
CA TYR A 105 -14.36 2.26 -6.46
C TYR A 105 -13.29 3.34 -6.58
N VAL A 106 -12.16 3.00 -7.21
CA VAL A 106 -11.06 3.94 -7.57
C VAL A 106 -11.05 4.08 -9.09
N GLU A 107 -11.58 5.17 -9.62
CA GLU A 107 -11.55 5.49 -11.08
C GLU A 107 -10.27 6.25 -11.43
N LEU A 108 -9.61 5.81 -12.52
CA LEU A 108 -8.36 6.39 -13.10
C LEU A 108 -8.59 6.66 -14.60
N SER A 109 -8.06 7.77 -15.11
CA SER A 109 -8.11 8.16 -16.55
C SER A 109 -6.90 7.61 -17.31
N ALA A 110 -5.95 6.95 -16.65
CA ALA A 110 -4.73 6.37 -17.27
C ALA A 110 -4.27 5.11 -16.50
N SER A 111 -3.12 4.54 -16.91
CA SER A 111 -2.67 3.20 -16.51
C SER A 111 -2.07 3.21 -15.10
N GLU A 112 -1.81 4.39 -14.52
CA GLU A 112 -1.01 4.52 -13.29
C GLU A 112 -1.68 5.46 -12.29
N VAL A 113 -1.70 5.06 -11.02
CA VAL A 113 -2.14 5.91 -9.87
C VAL A 113 -1.21 7.12 -9.78
N PRO A 114 -1.73 8.36 -9.51
CA PRO A 114 -0.86 9.52 -9.33
C PRO A 114 0.04 9.34 -8.11
N ILE A 115 1.30 9.72 -8.24
CA ILE A 115 2.27 9.56 -7.13
C ILE A 115 2.05 10.65 -6.07
N MET A 116 1.46 11.78 -6.44
CA MET A 116 1.23 12.91 -5.49
C MET A 116 2.58 13.30 -4.92
N ASP A 117 2.80 13.21 -3.60
CA ASP A 117 4.04 13.68 -2.93
C ASP A 117 5.00 12.53 -2.62
N GLY A 118 4.69 11.30 -3.06
CA GLY A 118 5.51 10.08 -2.85
C GLY A 118 5.09 9.24 -1.65
N SER A 119 4.10 9.70 -0.87
CA SER A 119 3.62 9.11 0.40
C SER A 119 2.11 8.87 0.32
N ALA A 120 1.49 8.53 1.43
CA ALA A 120 0.05 8.22 1.57
C ALA A 120 -0.71 9.43 2.13
N GLY A 121 0.01 10.47 2.61
CA GLY A 121 -0.58 11.64 3.27
C GLY A 121 -1.68 12.31 2.43
N PRO A 122 -1.41 12.70 1.17
CA PRO A 122 -2.45 13.30 0.33
C PRO A 122 -3.72 12.43 0.23
N PHE A 123 -3.56 11.10 0.05
CA PHE A 123 -4.66 10.11 -0.06
C PHE A 123 -5.40 10.00 1.27
N VAL A 124 -4.68 9.97 2.38
CA VAL A 124 -5.35 9.88 3.72
C VAL A 124 -6.09 11.21 3.96
N PHE A 125 -5.57 12.34 3.52
CA PHE A 125 -6.25 13.66 3.68
C PHE A 125 -7.55 13.64 2.87
N LEU A 126 -7.47 13.26 1.60
CA LEU A 126 -8.64 13.23 0.65
C LEU A 126 -9.75 12.34 1.21
N ILE A 127 -9.40 11.17 1.72
CA ILE A 127 -10.37 10.18 2.22
C ILE A 127 -11.12 10.79 3.42
N GLN A 128 -10.39 11.29 4.42
CA GLN A 128 -10.96 11.86 5.66
C GLN A 128 -11.67 13.18 5.35
N SER A 129 -11.16 13.95 4.38
CA SER A 129 -11.87 15.15 3.88
C SER A 129 -13.31 14.79 3.53
N ALA A 130 -13.54 13.72 2.76
CA ALA A 130 -14.88 13.34 2.28
C ALA A 130 -15.63 12.44 3.27
N GLY A 131 -15.00 12.07 4.39
CA GLY A 131 -15.63 11.33 5.49
C GLY A 131 -15.82 9.85 5.19
N LEU A 132 -15.98 9.02 6.25
CA LEU A 132 -16.31 7.58 6.20
C LEU A 132 -17.78 7.34 6.56
N GLN A 133 -18.40 6.37 5.89
CA GLN A 133 -19.79 5.90 6.14
C GLN A 133 -19.74 4.44 6.58
N GLU A 134 -20.14 4.15 7.82
CA GLU A 134 -20.35 2.74 8.27
C GLU A 134 -21.58 2.17 7.56
N GLN A 135 -21.56 0.86 7.32
CA GLN A 135 -22.58 0.11 6.56
C GLN A 135 -23.14 -0.98 7.47
N GLU A 136 -24.34 -1.48 7.16
CA GLU A 136 -25.04 -2.51 7.97
C GLU A 136 -24.55 -3.89 7.53
N ALA A 137 -23.30 -4.20 7.84
CA ALA A 137 -22.69 -5.54 7.61
C ALA A 137 -21.46 -5.66 8.51
N ALA A 138 -21.18 -6.87 9.00
CA ALA A 138 -20.03 -7.17 9.85
C ALA A 138 -18.77 -7.01 8.99
N LYS A 139 -17.74 -6.37 9.55
CA LYS A 139 -16.39 -6.34 8.96
C LYS A 139 -15.75 -7.70 9.20
N LYS A 140 -15.22 -8.30 8.14
CA LYS A 140 -14.54 -9.61 8.18
C LYS A 140 -13.04 -9.35 8.30
N PHE A 141 -12.38 -10.10 9.19
CA PHE A 141 -10.93 -10.02 9.44
C PHE A 141 -10.32 -11.37 9.10
N ILE A 142 -9.15 -11.35 8.48
CA ILE A 142 -8.24 -12.54 8.42
C ILE A 142 -7.42 -12.52 9.71
N ARG A 143 -7.58 -13.54 10.56
CA ARG A 143 -6.73 -13.71 11.77
C ARG A 143 -5.65 -14.75 11.47
N ILE A 144 -4.39 -14.32 11.55
CA ILE A 144 -3.19 -15.21 11.51
C ILE A 144 -3.27 -16.16 12.72
N LYS A 145 -3.26 -17.46 12.45
CA LYS A 145 -3.33 -18.55 13.46
C LYS A 145 -1.97 -19.22 13.65
N ARG A 146 -1.18 -19.30 12.56
CA ARG A 146 0.15 -19.97 12.53
C ARG A 146 1.18 -19.02 11.90
N GLU A 147 2.44 -19.11 12.31
CA GLU A 147 3.54 -18.36 11.66
C GLU A 147 3.67 -18.86 10.22
N VAL A 148 3.76 -17.92 9.26
CA VAL A 148 3.99 -18.20 7.82
C VAL A 148 5.16 -17.33 7.35
N SER A 149 6.18 -17.98 6.80
CA SER A 149 7.49 -17.39 6.49
C SER A 149 7.85 -17.72 5.04
N VAL A 150 8.37 -16.75 4.31
CA VAL A 150 8.98 -16.96 2.97
C VAL A 150 10.35 -16.31 2.96
N GLU A 151 11.31 -16.93 2.28
CA GLU A 151 12.66 -16.38 2.03
C GLU A 151 13.05 -16.57 0.57
N GLU A 152 14.01 -15.75 0.13
CA GLU A 152 14.73 -15.85 -1.15
C GLU A 152 16.03 -15.05 -1.00
N GLY A 153 17.18 -15.70 -1.18
CA GLY A 153 18.50 -15.16 -0.84
C GLY A 153 18.51 -14.66 0.60
N ASP A 154 18.89 -13.40 0.79
CA ASP A 154 19.02 -12.77 2.14
C ASP A 154 17.77 -11.95 2.46
N LYS A 155 16.69 -12.11 1.70
CA LYS A 155 15.40 -11.42 1.97
C LYS A 155 14.46 -12.39 2.67
N ARG A 156 13.55 -11.85 3.47
CA ARG A 156 12.61 -12.64 4.29
C ARG A 156 11.37 -11.79 4.60
N ALA A 157 10.21 -12.45 4.63
CA ALA A 157 8.89 -11.84 4.94
C ALA A 157 8.09 -12.86 5.74
N VAL A 158 7.46 -12.42 6.81
CA VAL A 158 6.86 -13.34 7.83
C VAL A 158 5.53 -12.75 8.33
N PHE A 159 4.51 -13.61 8.48
CA PHE A 159 3.34 -13.41 9.37
C PHE A 159 3.49 -14.25 10.65
N VAL A 160 3.22 -13.61 11.79
CA VAL A 160 3.19 -14.17 13.16
C VAL A 160 1.82 -13.87 13.76
N PRO A 161 1.17 -14.83 14.46
CA PRO A 161 -0.04 -14.50 15.22
C PRO A 161 0.24 -13.36 16.22
N PHE A 162 -0.70 -12.42 16.29
CA PHE A 162 -0.58 -11.25 17.19
C PHE A 162 -1.98 -10.68 17.37
N ASP A 163 -2.44 -10.60 18.62
CA ASP A 163 -3.77 -10.02 18.95
C ASP A 163 -3.71 -8.51 18.68
N GLY A 164 -3.86 -8.11 17.41
CA GLY A 164 -3.83 -6.70 16.97
C GLY A 164 -3.35 -6.59 15.53
N PHE A 165 -2.85 -5.42 15.16
CA PHE A 165 -2.12 -5.25 13.88
C PHE A 165 -0.82 -4.47 14.09
N LYS A 166 0.28 -5.09 13.65
CA LYS A 166 1.67 -4.58 13.83
C LYS A 166 2.53 -4.95 12.61
N VAL A 167 3.46 -4.06 12.24
CA VAL A 167 4.42 -4.20 11.11
C VAL A 167 5.80 -3.76 11.62
N SER A 168 6.77 -4.67 11.56
CA SER A 168 8.21 -4.41 11.80
C SER A 168 8.94 -4.59 10.48
N PHE A 169 9.94 -3.75 10.22
CA PHE A 169 10.72 -3.76 8.96
C PHE A 169 12.18 -3.42 9.23
N GLU A 170 13.06 -3.99 8.42
CA GLU A 170 14.51 -3.72 8.43
C GLU A 170 15.06 -3.73 7.01
N ILE A 171 15.86 -2.72 6.68
CA ILE A 171 16.62 -2.64 5.40
C ILE A 171 18.11 -2.47 5.71
N ASP A 172 18.98 -2.78 4.75
CA ASP A 172 20.45 -2.82 4.96
C ASP A 172 21.14 -2.35 3.69
N PHE A 173 21.06 -1.05 3.37
CA PHE A 173 21.81 -0.44 2.24
C PHE A 173 23.19 -0.06 2.75
N ASP A 174 24.22 -0.48 2.02
CA ASP A 174 25.63 -0.11 2.27
C ASP A 174 25.86 1.25 1.61
N HIS A 175 25.30 2.28 2.23
CA HIS A 175 25.25 3.67 1.71
C HIS A 175 25.42 4.59 2.91
N PRO A 176 26.21 5.69 2.80
CA PRO A 176 26.44 6.58 3.93
C PRO A 176 25.17 7.18 4.55
N VAL A 177 24.08 7.27 3.76
CA VAL A 177 22.79 7.89 4.16
C VAL A 177 22.04 7.02 5.20
N PHE A 178 22.60 5.89 5.66
CA PHE A 178 21.87 4.89 6.50
C PHE A 178 22.61 4.62 7.82
N THR A 182 18.28 5.16 11.36
CA THR A 182 17.85 3.76 11.61
C THR A 182 17.42 3.11 10.28
N GLN A 183 17.72 1.81 10.15
CA GLN A 183 17.26 0.93 9.05
C GLN A 183 16.22 -0.07 9.60
N GLN A 184 15.80 0.05 10.87
CA GLN A 184 14.78 -0.79 11.55
C GLN A 184 13.66 0.10 12.11
N ALA A 185 12.42 -0.40 12.12
CA ALA A 185 11.26 0.22 12.79
C ALA A 185 10.17 -0.84 13.04
N SER A 186 9.39 -0.61 14.09
CA SER A 186 8.30 -1.48 14.61
C SER A 186 7.17 -0.56 15.03
N VAL A 187 5.96 -0.73 14.47
CA VAL A 187 4.76 0.08 14.83
C VAL A 187 3.58 -0.84 15.11
N ASP A 188 2.99 -0.74 16.31
CA ASP A 188 1.69 -1.37 16.68
C ASP A 188 0.61 -0.35 16.32
N PHE A 189 -0.21 -0.63 15.31
CA PHE A 189 -1.19 0.35 14.77
C PHE A 189 -2.40 0.43 15.69
N SER A 190 -2.53 -0.45 16.69
CA SER A 190 -3.57 -0.38 17.76
C SER A 190 -3.13 0.62 18.85
N SER A 191 -1.85 1.03 18.87
CA SER A 191 -1.24 1.94 19.88
C SER A 191 -0.67 3.21 19.23
N THR A 192 -0.28 3.14 17.97
CA THR A 192 0.36 4.24 17.22
C THR A 192 -0.51 4.57 16.01
N SER A 193 -0.52 5.85 15.63
CA SER A 193 -1.28 6.40 14.47
C SER A 193 -0.56 6.05 13.17
N PHE A 194 -1.22 5.32 12.27
CA PHE A 194 -0.77 5.23 10.86
C PHE A 194 -0.57 6.64 10.28
N VAL A 195 -1.54 7.51 10.50
CA VAL A 195 -1.62 8.86 9.87
C VAL A 195 -0.37 9.66 10.25
N LYS A 196 -0.04 9.72 11.54
CA LYS A 196 1.02 10.62 12.04
C LYS A 196 2.39 10.00 11.76
N GLU A 197 2.56 8.71 12.01
CA GLU A 197 3.91 8.09 12.12
C GLU A 197 4.33 7.44 10.79
N VAL A 198 3.42 7.07 9.91
CA VAL A 198 3.79 6.32 8.66
C VAL A 198 3.29 7.02 7.40
N SER A 199 2.10 7.62 7.39
CA SER A 199 1.40 8.04 6.14
C SER A 199 2.22 9.05 5.31
N ARG A 200 3.00 9.92 5.97
CA ARG A 200 3.78 11.02 5.33
C ARG A 200 5.12 10.50 4.77
N ALA A 201 5.46 9.23 5.03
CA ALA A 201 6.75 8.60 4.62
C ALA A 201 6.81 8.42 3.11
N ARG A 202 7.79 9.04 2.45
CA ARG A 202 7.86 9.14 0.96
C ARG A 202 8.75 8.04 0.37
N THR A 203 8.50 7.67 -0.89
CA THR A 203 9.37 6.77 -1.70
C THR A 203 10.70 7.47 -1.95
N PHE A 204 11.70 6.70 -2.39
CA PHE A 204 13.10 7.16 -2.50
C PHE A 204 13.75 6.44 -3.67
N GLY A 205 14.68 7.12 -4.34
CA GLY A 205 15.48 6.57 -5.45
C GLY A 205 16.90 7.12 -5.46
N PHE A 206 17.86 6.26 -5.80
CA PHE A 206 19.28 6.63 -5.99
C PHE A 206 19.45 7.26 -7.38
N MET A 207 20.22 8.33 -7.44
CA MET A 207 20.47 9.17 -8.65
C MET A 207 20.91 8.30 -9.84
N ARG A 208 21.68 7.24 -9.62
CA ARG A 208 22.27 6.41 -10.72
C ARG A 208 21.17 5.49 -11.28
N ASP A 209 20.32 4.94 -10.40
CA ASP A 209 19.18 4.05 -10.78
C ASP A 209 18.14 4.86 -11.56
N ILE A 210 17.86 6.08 -11.11
CA ILE A 210 16.91 7.02 -11.76
C ILE A 210 17.41 7.33 -13.17
N GLU A 211 18.69 7.73 -13.29
CA GLU A 211 19.38 8.00 -14.56
C GLU A 211 19.20 6.79 -15.49
N TYR A 212 19.46 5.58 -14.98
CA TYR A 212 19.27 4.34 -15.75
C TYR A 212 17.79 4.23 -16.18
N LEU A 213 16.86 4.27 -15.23
CA LEU A 213 15.40 4.04 -15.46
C LEU A 213 14.85 5.07 -16.46
N ARG A 214 15.37 6.31 -16.43
CA ARG A 214 15.03 7.37 -17.41
C ARG A 214 15.43 6.93 -18.81
N SER A 215 16.58 6.24 -18.92
CA SER A 215 17.17 5.74 -20.19
C SER A 215 16.27 4.62 -20.75
N GLN A 216 15.59 3.88 -19.88
CA GLN A 216 14.65 2.79 -20.26
C GLN A 216 13.21 3.33 -20.35
N ASN A 217 13.02 4.65 -20.45
CA ASN A 217 11.69 5.32 -20.56
C ASN A 217 10.83 5.02 -19.32
N LEU A 218 11.46 4.88 -18.15
CA LEU A 218 10.76 4.67 -16.85
C LEU A 218 11.04 5.88 -15.96
N ALA A 219 10.39 5.93 -14.78
CA ALA A 219 10.46 7.03 -13.80
C ALA A 219 10.18 8.39 -14.46
N LEU A 220 9.30 8.46 -15.46
CA LEU A 220 9.14 9.70 -16.28
C LEU A 220 8.47 10.81 -15.47
N GLY A 221 7.72 10.47 -14.42
CA GLY A 221 7.10 11.45 -13.52
C GLY A 221 7.93 11.77 -12.28
N GLY A 222 9.04 11.05 -12.06
CA GLY A 222 9.83 11.24 -10.83
C GLY A 222 10.35 12.67 -10.69
N SER A 223 10.35 13.23 -9.47
CA SER A 223 11.01 14.51 -9.12
C SER A 223 11.12 14.66 -7.60
N VAL A 224 11.84 15.67 -7.11
CA VAL A 224 11.97 15.97 -5.66
C VAL A 224 10.58 16.35 -5.10
N GLU A 225 9.62 16.63 -5.99
CA GLU A 225 8.21 16.92 -5.62
C GLU A 225 7.53 15.65 -5.11
N ASN A 226 7.96 14.46 -5.57
CA ASN A 226 7.25 13.19 -5.25
C ASN A 226 8.25 12.10 -4.84
N ALA A 227 9.48 12.45 -4.48
CA ALA A 227 10.47 11.42 -4.04
C ALA A 227 11.65 12.05 -3.31
N ILE A 228 12.20 11.30 -2.36
CA ILE A 228 13.56 11.56 -1.79
C ILE A 228 14.56 11.06 -2.84
N VAL A 229 15.36 11.98 -3.41
CA VAL A 229 16.43 11.69 -4.41
C VAL A 229 17.75 11.68 -3.66
N VAL A 230 18.50 10.58 -3.77
CA VAL A 230 19.73 10.30 -2.98
C VAL A 230 20.85 10.02 -3.97
N ASP A 231 21.95 10.77 -3.88
CA ASP A 231 23.19 10.46 -4.63
C ASP A 231 24.02 9.51 -3.77
N GLU A 232 25.32 9.41 -4.04
CA GLU A 232 26.24 8.44 -3.37
C GLU A 232 26.28 8.69 -1.86
N ASN A 233 26.04 9.93 -1.40
CA ASN A 233 26.34 10.37 0.00
C ASN A 233 25.15 10.94 0.75
N ARG A 234 24.23 11.65 0.08
CA ARG A 234 23.25 12.51 0.78
C ARG A 234 21.90 12.61 0.05
N VAL A 235 20.92 13.10 0.82
CA VAL A 235 19.57 13.52 0.34
C VAL A 235 19.74 14.82 -0.42
N LEU A 236 19.31 14.85 -1.68
CA LEU A 236 19.41 16.04 -2.55
C LEU A 236 18.23 16.98 -2.28
N ASN A 237 17.06 16.46 -1.90
CA ASN A 237 15.86 17.28 -1.58
C ASN A 237 16.29 18.37 -0.59
N GLU A 238 16.18 19.63 -1.01
CA GLU A 238 16.53 20.86 -0.26
C GLU A 238 16.00 20.79 1.19
N ASP A 239 14.74 20.39 1.38
CA ASP A 239 14.07 20.43 2.71
C ASP A 239 14.27 19.12 3.50
N GLY A 240 15.08 18.18 3.01
CA GLY A 240 15.54 17.00 3.78
C GLY A 240 14.44 15.96 3.93
N LEU A 241 14.43 15.25 5.08
CA LEU A 241 13.51 14.14 5.41
C LEU A 241 12.42 14.64 6.36
N ARG A 242 11.32 13.88 6.41
CA ARG A 242 10.13 14.07 7.27
C ARG A 242 10.26 13.27 8.57
N TYR A 243 10.97 12.14 8.54
CA TYR A 243 11.28 11.29 9.72
C TYR A 243 12.75 10.92 9.65
N GLU A 244 13.43 10.80 10.78
CA GLU A 244 14.83 10.31 10.80
C GLU A 244 14.90 8.95 10.08
N ASP A 245 13.84 8.13 10.22
CA ASP A 245 13.73 6.76 9.65
C ASP A 245 12.71 6.74 8.51
N GLU A 246 12.73 7.75 7.64
CA GLU A 246 11.70 7.88 6.58
C GLU A 246 11.75 6.68 5.65
N PHE A 247 12.95 6.29 5.18
CA PHE A 247 13.19 5.16 4.25
C PHE A 247 12.50 3.87 4.74
N VAL A 248 12.72 3.46 6.00
CA VAL A 248 12.17 2.16 6.49
C VAL A 248 10.67 2.34 6.79
N LYS A 249 10.22 3.55 7.18
CA LYS A 249 8.78 3.84 7.39
C LYS A 249 8.06 3.74 6.05
N HIS A 250 8.71 4.10 4.93
CA HIS A 250 8.09 4.01 3.57
C HIS A 250 7.93 2.52 3.18
N LYS A 251 8.92 1.70 3.55
CA LYS A 251 8.87 0.23 3.40
C LYS A 251 7.63 -0.29 4.14
N ILE A 252 7.36 0.23 5.35
CA ILE A 252 6.19 -0.24 6.16
C ILE A 252 4.91 0.15 5.43
N LEU A 253 4.87 1.39 4.95
CA LEU A 253 3.72 1.95 4.23
C LEU A 253 3.43 1.03 3.03
N ASP A 254 4.46 0.74 2.21
CA ASP A 254 4.37 -0.15 1.02
C ASP A 254 3.78 -1.50 1.41
N ALA A 255 4.37 -2.20 2.40
CA ALA A 255 3.90 -3.51 2.92
C ALA A 255 2.42 -3.47 3.30
N ILE A 256 1.98 -2.39 3.97
CA ILE A 256 0.56 -2.22 4.41
C ILE A 256 -0.34 -2.17 3.17
N GLY A 257 0.08 -1.48 2.10
CA GLY A 257 -0.62 -1.46 0.80
C GLY A 257 -0.72 -2.86 0.22
N ASP A 258 0.42 -3.57 0.16
CA ASP A 258 0.50 -4.95 -0.39
C ASP A 258 -0.39 -5.92 0.40
N LEU A 259 -0.40 -5.82 1.73
CA LEU A 259 -1.17 -6.72 2.64
C LEU A 259 -2.66 -6.56 2.36
N TYR A 260 -3.07 -5.37 1.95
CA TYR A 260 -4.51 -5.04 1.79
C TYR A 260 -5.11 -5.78 0.57
N LEU A 261 -4.27 -6.33 -0.31
CA LEU A 261 -4.67 -7.22 -1.44
C LEU A 261 -5.25 -8.55 -0.93
N LEU A 262 -5.22 -8.84 0.36
CA LEU A 262 -5.94 -10.01 0.96
C LEU A 262 -7.46 -9.79 0.88
N GLY A 263 -7.92 -8.55 0.67
CA GLY A 263 -9.34 -8.22 0.57
C GLY A 263 -10.04 -8.27 1.93
N ASN A 264 -9.27 -8.37 3.02
CA ASN A 264 -9.77 -8.34 4.43
C ASN A 264 -8.64 -7.83 5.34
N SER A 265 -8.98 -7.02 6.33
CA SER A 265 -8.03 -6.46 7.33
C SER A 265 -7.44 -7.62 8.13
N LEU A 266 -6.18 -7.47 8.52
CA LEU A 266 -5.39 -8.54 9.16
C LEU A 266 -5.44 -8.38 10.67
N ILE A 267 -5.63 -9.49 11.39
CA ILE A 267 -5.27 -9.63 12.83
C ILE A 267 -3.99 -10.47 12.89
N GLY A 268 -2.88 -9.82 13.18
CA GLY A 268 -1.57 -10.44 13.24
C GLY A 268 -0.48 -9.42 13.03
N GLU A 269 0.73 -9.93 12.79
CA GLU A 269 1.99 -9.17 12.79
C GLU A 269 2.77 -9.54 11.54
N PHE A 270 3.33 -8.55 10.85
CA PHE A 270 4.20 -8.70 9.65
C PHE A 270 5.62 -8.26 10.00
N ARG A 271 6.59 -9.01 9.49
CA ARG A 271 8.03 -8.72 9.61
C ARG A 271 8.65 -8.85 8.23
N GLY A 272 9.30 -7.78 7.79
CA GLY A 272 10.10 -7.71 6.58
C GLY A 272 11.57 -7.63 6.91
N PHE A 273 12.40 -8.36 6.18
CA PHE A 273 13.86 -8.16 6.17
C PHE A 273 14.29 -8.02 4.72
N LYS A 274 14.62 -6.78 4.32
CA LYS A 274 15.02 -6.36 2.95
C LYS A 274 13.95 -6.80 1.94
N SER A 275 12.72 -7.05 2.39
CA SER A 275 11.61 -7.53 1.54
C SER A 275 11.11 -6.40 0.59
N GLY A 276 10.50 -6.78 -0.54
CA GLY A 276 9.82 -5.88 -1.49
C GLY A 276 8.52 -6.48 -1.99
N HIS A 277 7.91 -5.92 -3.03
CA HIS A 277 6.55 -6.37 -3.44
C HIS A 277 6.56 -7.79 -3.99
N ALA A 278 7.64 -8.26 -4.64
CA ALA A 278 7.74 -9.66 -5.17
C ALA A 278 7.68 -10.67 -4.00
N LEU A 279 8.56 -10.57 -3.01
CA LEU A 279 8.54 -11.48 -1.83
C LEU A 279 7.28 -11.20 -1.00
N ASN A 280 6.84 -9.95 -0.91
CA ASN A 280 5.58 -9.58 -0.18
C ASN A 280 4.42 -10.39 -0.75
N ASN A 281 4.36 -10.48 -2.09
CA ASN A 281 3.32 -11.15 -2.89
C ASN A 281 3.40 -12.68 -2.66
N GLN A 282 4.61 -13.25 -2.71
CA GLN A 282 4.89 -14.68 -2.36
C GLN A 282 4.30 -14.98 -0.98
N LEU A 283 4.45 -14.08 0.00
CA LEU A 283 3.97 -14.31 1.39
C LEU A 283 2.44 -14.28 1.40
N LEU A 284 1.82 -13.34 0.70
CA LEU A 284 0.34 -13.27 0.61
C LEU A 284 -0.20 -14.57 0.02
N ARG A 285 0.38 -15.03 -1.10
CA ARG A 285 -0.07 -16.27 -1.82
C ARG A 285 0.14 -17.50 -0.94
N THR A 286 1.28 -17.59 -0.23
CA THR A 286 1.61 -18.76 0.63
C THR A 286 0.60 -18.81 1.78
N LEU A 287 0.25 -17.65 2.34
CA LEU A 287 -0.75 -17.51 3.43
C LEU A 287 -2.11 -18.00 2.93
N ILE A 288 -2.60 -17.44 1.82
CA ILE A 288 -3.96 -17.75 1.28
C ILE A 288 -4.03 -19.26 1.03
N ALA A 289 -2.98 -19.83 0.46
CA ALA A 289 -2.88 -21.26 0.10
C ALA A 289 -2.86 -22.17 1.35
N ASP A 290 -2.41 -21.68 2.50
CA ASP A 290 -2.34 -22.50 3.74
C ASP A 290 -3.52 -22.15 4.66
N LYS A 291 -4.68 -22.77 4.45
CA LYS A 291 -5.93 -22.44 5.20
C LYS A 291 -5.79 -22.80 6.68
N ASP A 292 -4.83 -23.65 7.08
CA ASP A 292 -4.59 -24.00 8.50
C ASP A 292 -4.04 -22.80 9.30
N ALA A 293 -3.50 -21.80 8.60
CA ALA A 293 -2.68 -20.73 9.19
C ALA A 293 -3.54 -19.49 9.48
N TRP A 294 -4.75 -19.39 8.93
CA TRP A 294 -5.65 -18.22 9.08
C TRP A 294 -7.12 -18.64 9.13
N GLU A 295 -7.94 -17.78 9.72
CA GLU A 295 -9.42 -17.87 9.76
C GLU A 295 -9.96 -16.48 9.49
N VAL A 296 -11.16 -16.39 8.91
CA VAL A 296 -11.96 -15.14 8.85
C VAL A 296 -12.73 -15.03 10.16
N VAL A 297 -12.76 -13.85 10.78
CA VAL A 297 -13.49 -13.61 12.06
C VAL A 297 -14.26 -12.30 11.94
N THR A 298 -15.39 -12.22 12.62
CA THR A 298 -16.15 -10.97 12.88
C THR A 298 -16.20 -10.74 14.39
N PHE A 299 -16.63 -9.56 14.81
CA PHE A 299 -16.69 -9.14 16.23
C PHE A 299 -18.04 -8.48 16.52
N GLU A 300 -18.90 -9.16 17.27
CA GLU A 300 -20.24 -8.67 17.74
C GLU A 300 -20.05 -7.55 18.75
N ASP A 301 -18.92 -7.52 19.47
CA ASP A 301 -18.60 -6.46 20.47
C ASP A 301 -17.23 -5.86 20.14
N ALA A 302 -17.23 -4.62 19.65
CA ALA A 302 -16.02 -3.83 19.33
C ALA A 302 -15.14 -3.64 20.59
N ARG A 303 -15.71 -3.82 21.79
CA ARG A 303 -15.01 -3.51 23.06
C ARG A 303 -14.06 -4.64 23.44
N THR A 304 -14.34 -5.89 23.04
CA THR A 304 -13.52 -7.09 23.39
C THR A 304 -12.58 -7.46 22.24
N ALA A 305 -12.67 -6.75 21.10
CA ALA A 305 -11.89 -7.03 19.87
C ALA A 305 -10.47 -6.46 20.02
N PRO A 306 -9.45 -7.09 19.41
CA PRO A 306 -8.12 -6.48 19.33
C PRO A 306 -8.12 -5.30 18.35
#